data_5XFR
#
_entry.id   5XFR
#
_cell.length_a   137.743
_cell.length_b   137.743
_cell.length_c   101.226
_cell.angle_alpha   90.00
_cell.angle_beta   90.00
_cell.angle_gamma   120.00
#
_symmetry.space_group_name_H-M   'P 31 2 1'
#
loop_
_entity.id
_entity.type
_entity.pdbx_description
1 polymer 'Metal-response element-binding transcription factor 2'
2 polymer 'Peptide from Histone H3.1'
3 polymer "DNA (5'-D(*GP*GP*GP*CP*GP*GP*CP*CP*GP*CP*CP*CP*T)-3')"
4 non-polymer 'ZINC ION'
5 water water
#
loop_
_entity_poly.entity_id
_entity_poly.type
_entity_poly.pdbx_seq_one_letter_code
_entity_poly.pdbx_strand_id
1 'polypeptide(L)'
;SACKFEEGQDVLARWSDGLFYLGTIKKINILKQSCFIIFEDSSKSWVLWKDIQTGATGSGEMVCTICQEEYSEAPNEMVI
CDKCGQGYHQLCHTPHIDCSVIDSDEKWLCRQCVFATTTKRGGALKKGPNAKALQVMKQTLPYSVADLEWDAGHKTNVQQ
CYCYCGGPGDWYLKMLQCCKCKQWFHEACVQCLQKPMLFGDRFYTFICSVCSSGPEYLKRLPLQWVDIAHLCLYNLSVIH
KKKYFDSELELMTYINENWDRLHPGELADTPKSERYEHVLEALNDYKTMFMSGKEIKKKKHLFGLRIRVPPVPPNVA
;
A,B
2 'polypeptide(L)' GGV(M3L)KPHR C,D
3 'polydeoxyribonucleotide' (DG)(DG)(DG)(DC)(DG)(DG)(DC)(DC)(DG)(DC)(DC)(DC)(DT) E,F
#
loop_
_chem_comp.id
_chem_comp.type
_chem_comp.name
_chem_comp.formula
DC DNA linking 2'-DEOXYCYTIDINE-5'-MONOPHOSPHATE 'C9 H14 N3 O7 P'
DG DNA linking 2'-DEOXYGUANOSINE-5'-MONOPHOSPHATE 'C10 H14 N5 O7 P'
DT DNA linking THYMIDINE-5'-MONOPHOSPHATE 'C10 H15 N2 O8 P'
ZN non-polymer 'ZINC ION' 'Zn 2'
#
# COMPACT_ATOMS: atom_id res chain seq x y z
N CYS A 3 2.62 -30.56 10.04
CA CYS A 3 3.54 -29.55 10.57
C CYS A 3 3.37 -29.38 12.07
N LYS A 4 2.96 -28.17 12.48
CA LYS A 4 2.75 -27.87 13.89
C LYS A 4 1.60 -28.66 14.49
N PHE A 5 0.69 -29.11 13.63
CA PHE A 5 -0.58 -29.66 14.08
C PHE A 5 -0.71 -31.17 13.90
N GLU A 6 -1.59 -31.77 14.68
CA GLU A 6 -1.96 -33.17 14.51
C GLU A 6 -3.44 -33.33 14.87
N GLU A 7 -4.07 -34.38 14.37
CA GLU A 7 -5.49 -34.60 14.60
C GLU A 7 -5.79 -34.80 16.08
N GLY A 8 -6.94 -34.31 16.52
CA GLY A 8 -7.35 -34.43 17.90
C GLY A 8 -6.86 -33.29 18.78
N GLN A 9 -5.99 -32.46 18.22
CA GLN A 9 -5.43 -31.32 18.96
C GLN A 9 -6.46 -30.21 19.11
N ASP A 10 -6.59 -29.69 20.33
CA ASP A 10 -7.50 -28.58 20.60
C ASP A 10 -6.80 -27.26 20.32
N VAL A 11 -7.42 -26.42 19.51
CA VAL A 11 -6.81 -25.16 19.09
C VAL A 11 -7.78 -23.98 19.14
N LEU A 12 -7.23 -22.79 18.98
CA LEU A 12 -8.04 -21.58 18.77
C LEU A 12 -8.05 -21.26 17.28
N ALA A 13 -9.23 -21.25 16.67
CA ALA A 13 -9.33 -21.00 15.24
C ALA A 13 -10.02 -19.67 14.95
N ARG A 14 -9.38 -18.86 14.11
CA ARG A 14 -9.91 -17.54 13.77
C ARG A 14 -10.91 -17.65 12.62
N TRP A 15 -12.14 -17.23 12.87
CA TRP A 15 -13.20 -17.24 11.87
C TRP A 15 -13.15 -15.98 11.01
N SER A 16 -14.01 -15.91 9.99
CA SER A 16 -14.02 -14.80 9.06
C SER A 16 -14.61 -13.52 9.67
N ASP A 17 -14.88 -13.54 10.97
CA ASP A 17 -15.33 -12.34 11.68
C ASP A 17 -14.17 -11.72 12.45
N GLY A 18 -13.00 -12.34 12.35
CA GLY A 18 -11.80 -11.86 13.03
C GLY A 18 -11.66 -12.38 14.44
N LEU A 19 -12.61 -13.19 14.87
CA LEU A 19 -12.62 -13.70 16.23
C LEU A 19 -12.13 -15.15 16.30
N PHE A 20 -11.44 -15.48 17.38
CA PHE A 20 -10.96 -16.84 17.60
C PHE A 20 -12.01 -17.70 18.31
N TYR A 21 -12.13 -18.96 17.88
CA TYR A 21 -13.07 -19.89 18.48
C TYR A 21 -12.37 -21.19 18.85
N LEU A 22 -12.81 -21.80 19.94
CA LEU A 22 -12.25 -23.09 20.36
C LEU A 22 -12.70 -24.20 19.43
N GLY A 23 -11.75 -25.02 18.99
CA GLY A 23 -12.05 -26.09 18.07
C GLY A 23 -11.06 -27.23 18.14
N THR A 24 -11.40 -28.35 17.51
CA THR A 24 -10.53 -29.52 17.49
C THR A 24 -10.26 -29.95 16.05
N ILE A 25 -8.99 -30.19 15.75
CA ILE A 25 -8.57 -30.59 14.42
C ILE A 25 -8.97 -32.03 14.12
N LYS A 26 -9.70 -32.23 13.02
CA LYS A 26 -10.13 -33.55 12.60
C LYS A 26 -9.33 -34.05 11.40
N LYS A 27 -9.00 -33.13 10.50
CA LYS A 27 -8.19 -33.46 9.33
C LYS A 27 -7.12 -32.39 9.09
N ILE A 28 -6.08 -32.77 8.36
CA ILE A 28 -5.02 -31.84 7.99
C ILE A 28 -4.77 -31.91 6.48
N ASN A 29 -4.67 -30.75 5.84
CA ASN A 29 -4.35 -30.69 4.42
C ASN A 29 -3.06 -29.92 4.19
N ILE A 30 -2.00 -30.65 3.85
CA ILE A 30 -0.69 -30.05 3.66
C ILE A 30 -0.67 -29.13 2.44
N LEU A 31 -1.28 -29.59 1.35
CA LEU A 31 -1.29 -28.85 0.09
C LEU A 31 -2.04 -27.53 0.21
N LYS A 32 -3.17 -27.55 0.92
CA LYS A 32 -3.98 -26.37 1.11
C LYS A 32 -3.50 -25.54 2.29
N GLN A 33 -2.59 -26.11 3.07
CA GLN A 33 -2.09 -25.50 4.30
C GLN A 33 -3.25 -25.16 5.24
N SER A 34 -4.17 -26.11 5.40
CA SER A 34 -5.37 -25.89 6.20
C SER A 34 -5.67 -27.06 7.12
N CYS A 35 -6.62 -26.86 8.02
CA CYS A 35 -7.08 -27.93 8.90
C CYS A 35 -8.60 -27.94 8.96
N PHE A 36 -9.17 -29.14 8.94
CA PHE A 36 -10.61 -29.29 9.10
C PHE A 36 -10.94 -29.31 10.58
N ILE A 37 -11.68 -28.31 11.03
CA ILE A 37 -11.89 -28.10 12.47
C ILE A 37 -13.36 -28.18 12.86
N ILE A 38 -13.64 -28.92 13.93
CA ILE A 38 -14.98 -28.94 14.51
C ILE A 38 -15.03 -27.96 15.68
N PHE A 39 -16.11 -27.20 15.76
CA PHE A 39 -16.25 -26.20 16.82
C PHE A 39 -17.23 -26.66 17.89
N GLU A 40 -17.42 -25.84 18.91
CA GLU A 40 -18.25 -26.20 20.06
C GLU A 40 -19.71 -26.41 19.68
N ASP A 41 -20.13 -25.79 18.58
CA ASP A 41 -21.50 -25.98 18.08
C ASP A 41 -21.55 -27.14 17.10
N SER A 42 -20.50 -27.95 17.10
CA SER A 42 -20.36 -29.13 16.25
C SER A 42 -20.31 -28.80 14.76
N SER A 43 -20.19 -27.51 14.43
CA SER A 43 -20.05 -27.10 13.05
C SER A 43 -18.62 -27.38 12.58
N LYS A 44 -18.49 -27.73 11.31
CA LYS A 44 -17.20 -28.12 10.76
C LYS A 44 -16.80 -27.24 9.58
N SER A 45 -15.54 -26.82 9.54
CA SER A 45 -15.06 -25.98 8.45
C SER A 45 -13.54 -26.04 8.30
N TRP A 46 -13.06 -25.70 7.11
CA TRP A 46 -11.62 -25.65 6.86
C TRP A 46 -11.04 -24.31 7.29
N VAL A 47 -9.95 -24.35 8.04
CA VAL A 47 -9.30 -23.15 8.52
C VAL A 47 -7.83 -23.12 8.13
N LEU A 48 -7.40 -22.01 7.53
CA LEU A 48 -6.01 -21.83 7.15
C LEU A 48 -5.08 -21.87 8.38
N TRP A 49 -3.85 -22.33 8.16
CA TRP A 49 -2.88 -22.44 9.24
C TRP A 49 -2.56 -21.09 9.86
N LYS A 50 -2.64 -20.03 9.07
CA LYS A 50 -2.37 -18.69 9.54
C LYS A 50 -3.42 -18.23 10.55
N ASP A 51 -4.57 -18.89 10.53
CA ASP A 51 -5.68 -18.54 11.41
C ASP A 51 -5.83 -19.53 12.56
N ILE A 52 -4.83 -20.38 12.74
CA ILE A 52 -4.86 -21.36 13.83
C ILE A 52 -3.84 -21.03 14.89
N GLN A 53 -4.31 -20.92 16.14
CA GLN A 53 -3.45 -20.57 17.26
C GLN A 53 -3.17 -21.78 18.13
N THR A 54 -1.92 -22.24 18.13
CA THR A 54 -1.53 -23.40 18.92
C THR A 54 -1.44 -23.05 20.40
N GLY A 55 -2.22 -23.75 21.21
CA GLY A 55 -2.33 -23.45 22.62
C GLY A 55 -3.68 -22.85 22.93
N ALA A 56 -4.13 -23.01 24.18
CA ALA A 56 -5.43 -22.54 24.62
C ALA A 56 -6.56 -23.11 23.78
N MET A 62 12.54 -19.57 30.09
CA MET A 62 11.87 -18.43 29.47
C MET A 62 12.59 -17.99 28.20
N VAL A 63 11.94 -18.19 27.06
CA VAL A 63 12.52 -17.83 25.78
C VAL A 63 11.56 -16.93 24.99
N CYS A 64 12.10 -16.08 24.13
CA CYS A 64 11.27 -15.22 23.28
C CYS A 64 10.47 -16.08 22.32
N THR A 65 9.17 -15.86 22.25
CA THR A 65 8.32 -16.70 21.42
C THR A 65 8.55 -16.45 19.93
N ILE A 66 9.10 -15.28 19.60
CA ILE A 66 9.31 -14.91 18.21
C ILE A 66 10.59 -15.52 17.64
N CYS A 67 11.71 -15.30 18.31
CA CYS A 67 13.01 -15.72 17.79
C CYS A 67 13.56 -16.95 18.52
N GLN A 68 12.90 -17.32 19.62
CA GLN A 68 13.27 -18.49 20.42
C GLN A 68 14.71 -18.42 20.93
N GLU A 69 15.13 -17.22 21.31
CA GLU A 69 16.42 -17.03 21.98
C GLU A 69 16.17 -16.37 23.35
N GLU A 70 17.10 -16.54 24.27
CA GLU A 70 16.87 -16.18 25.66
C GLU A 70 17.74 -15.02 26.17
N TYR A 71 18.42 -14.32 25.26
CA TYR A 71 19.22 -13.17 25.66
C TYR A 71 18.31 -12.01 26.03
N SER A 72 18.76 -11.16 26.95
CA SER A 72 17.97 -10.03 27.40
C SER A 72 18.82 -8.93 28.02
N GLU A 73 18.87 -7.78 27.34
CA GLU A 73 19.64 -6.64 27.84
C GLU A 73 19.14 -5.35 27.20
N ALA A 74 19.18 -4.26 27.96
CA ALA A 74 18.74 -2.96 27.48
C ALA A 74 19.60 -2.50 26.29
N PRO A 75 18.99 -1.81 25.32
CA PRO A 75 17.58 -1.40 25.30
C PRO A 75 16.67 -2.39 24.58
N ASN A 76 17.03 -3.66 24.57
CA ASN A 76 16.20 -4.69 23.95
C ASN A 76 15.98 -5.85 24.91
N GLU A 77 15.13 -5.60 25.91
CA GLU A 77 14.91 -6.58 26.97
C GLU A 77 13.76 -7.54 26.67
N MET A 78 13.72 -8.65 27.39
CA MET A 78 12.64 -9.62 27.25
C MET A 78 11.45 -9.19 28.11
N VAL A 79 10.32 -8.92 27.46
CA VAL A 79 9.13 -8.48 28.16
C VAL A 79 8.11 -9.62 28.25
N ILE A 80 7.58 -9.83 29.45
CA ILE A 80 6.61 -10.90 29.70
C ILE A 80 5.18 -10.38 29.59
N CYS A 81 4.35 -11.08 28.84
CA CYS A 81 2.94 -10.74 28.72
C CYS A 81 2.21 -11.05 30.02
N ASP A 82 1.48 -10.07 30.54
CA ASP A 82 0.82 -10.23 31.83
C ASP A 82 -0.47 -11.05 31.77
N LYS A 83 -0.75 -11.63 30.60
CA LYS A 83 -1.91 -12.48 30.45
C LYS A 83 -1.54 -13.91 30.07
N CYS A 84 -0.84 -14.06 28.96
CA CYS A 84 -0.48 -15.40 28.47
C CYS A 84 0.88 -15.84 29.00
N GLY A 85 1.60 -14.92 29.64
CA GLY A 85 2.86 -15.24 30.28
C GLY A 85 4.03 -15.41 29.33
N GLN A 86 3.77 -15.25 28.04
CA GLN A 86 4.82 -15.45 27.03
C GLN A 86 5.75 -14.24 26.94
N GLY A 87 7.00 -14.51 26.59
CA GLY A 87 8.03 -13.49 26.55
C GLY A 87 8.33 -12.98 25.14
N TYR A 88 8.61 -11.69 25.05
CA TYR A 88 8.94 -11.05 23.78
C TYR A 88 10.09 -10.07 23.95
N HIS A 89 11.05 -10.11 23.04
CA HIS A 89 12.06 -9.06 22.95
C HIS A 89 11.38 -7.77 22.52
N GLN A 90 11.92 -6.63 22.93
CA GLN A 90 11.35 -5.34 22.58
C GLN A 90 11.32 -5.14 21.07
N LEU A 91 12.33 -5.67 20.38
CA LEU A 91 12.47 -5.47 18.94
C LEU A 91 11.96 -6.67 18.14
N CYS A 92 11.41 -7.66 18.83
CA CYS A 92 10.84 -8.82 18.16
C CYS A 92 9.33 -8.72 18.06
N HIS A 93 8.73 -7.94 18.95
CA HIS A 93 7.29 -7.76 18.97
C HIS A 93 6.83 -6.84 17.85
N THR A 94 5.58 -7.02 17.41
CA THR A 94 5.01 -6.17 16.36
C THR A 94 3.78 -5.45 16.89
N PRO A 95 3.88 -4.12 17.10
CA PRO A 95 5.08 -3.31 16.85
C PRO A 95 6.08 -3.39 18.00
N HIS A 96 7.20 -2.68 17.86
CA HIS A 96 8.26 -2.70 18.88
C HIS A 96 7.74 -2.22 20.23
N ILE A 97 8.23 -2.84 21.30
CA ILE A 97 7.85 -2.45 22.65
C ILE A 97 8.70 -1.30 23.13
N ASP A 98 8.05 -0.17 23.44
CA ASP A 98 8.75 1.00 23.93
C ASP A 98 9.32 0.72 25.32
N CYS A 99 10.46 1.33 25.62
CA CYS A 99 11.13 1.14 26.91
C CYS A 99 10.31 1.76 28.05
N SER A 100 9.33 2.58 27.69
CA SER A 100 8.42 3.18 28.65
C SER A 100 7.62 2.11 29.38
N VAL A 101 7.31 1.03 28.67
CA VAL A 101 6.53 -0.07 29.21
C VAL A 101 7.21 -0.70 30.43
N ILE A 102 8.52 -0.91 30.34
CA ILE A 102 9.28 -1.51 31.42
C ILE A 102 9.44 -0.52 32.58
N ASP A 103 9.32 0.76 32.28
CA ASP A 103 9.44 1.80 33.31
C ASP A 103 8.09 2.11 33.96
N SER A 104 7.30 1.08 34.21
CA SER A 104 5.98 1.29 34.81
C SER A 104 5.50 0.07 35.58
N ASP A 105 4.52 0.29 36.46
CA ASP A 105 3.90 -0.78 37.22
C ASP A 105 2.72 -1.35 36.44
N GLU A 106 2.24 -0.59 35.47
CA GLU A 106 1.11 -1.00 34.65
C GLU A 106 1.41 -2.27 33.87
N LYS A 107 0.38 -3.10 33.67
CA LYS A 107 0.51 -4.37 32.97
C LYS A 107 0.87 -4.18 31.49
N TRP A 108 1.39 -5.24 30.89
CA TRP A 108 1.60 -5.26 29.45
C TRP A 108 1.05 -6.53 28.83
N LEU A 109 0.25 -6.36 27.79
CA LEU A 109 -0.26 -7.48 27.01
C LEU A 109 0.39 -7.48 25.65
N CYS A 110 0.65 -8.68 25.12
CA CYS A 110 1.17 -8.80 23.76
C CYS A 110 0.05 -8.52 22.76
N ARG A 111 0.43 -8.34 21.50
CA ARG A 111 -0.51 -8.05 20.42
C ARG A 111 -1.64 -9.08 20.37
N GLN A 112 -1.24 -10.35 20.52
CA GLN A 112 -2.17 -11.46 20.52
C GLN A 112 -3.25 -11.31 21.60
N CYS A 113 -2.82 -11.01 22.82
CA CYS A 113 -3.73 -10.88 23.95
C CYS A 113 -4.51 -9.56 23.90
N VAL A 114 -3.90 -8.53 23.32
CA VAL A 114 -4.57 -7.26 23.17
C VAL A 114 -5.80 -7.40 22.28
N PHE A 115 -5.60 -8.04 21.12
CA PHE A 115 -6.70 -8.31 20.21
C PHE A 115 -7.77 -9.19 20.83
N ALA A 116 -7.33 -10.18 21.60
CA ALA A 116 -8.24 -11.16 22.18
C ALA A 116 -9.16 -10.53 23.23
N THR A 117 -8.67 -9.53 23.94
CA THR A 117 -9.43 -8.93 25.03
C THR A 117 -10.22 -7.70 24.60
N THR A 118 -10.00 -7.24 23.37
CA THR A 118 -10.63 -6.00 22.90
C THR A 118 -11.58 -6.22 21.73
N THR A 119 -11.17 -7.05 20.77
CA THR A 119 -12.01 -7.34 19.61
C THR A 119 -13.26 -8.09 20.04
N LYS A 120 -14.40 -7.71 19.48
CA LYS A 120 -15.69 -8.14 19.99
C LYS A 120 -16.79 -7.91 18.96
N ARG A 121 -17.77 -8.82 18.91
CA ARG A 121 -18.92 -8.66 18.00
C ARG A 121 -19.61 -7.33 18.21
N GLY A 122 -19.97 -6.67 17.10
CA GLY A 122 -20.64 -5.38 17.17
C GLY A 122 -19.66 -4.22 17.22
N GLY A 123 -18.38 -4.54 17.38
CA GLY A 123 -17.35 -3.52 17.45
C GLY A 123 -16.43 -3.70 18.64
N ALA A 124 -15.14 -3.45 18.44
CA ALA A 124 -14.15 -3.61 19.50
C ALA A 124 -14.34 -2.57 20.60
N LEU A 125 -13.75 -2.84 21.77
CA LEU A 125 -13.86 -1.96 22.92
C LEU A 125 -13.28 -0.58 22.61
N LYS A 126 -13.99 0.46 23.03
CA LYS A 126 -13.58 1.83 22.75
C LYS A 126 -12.76 2.42 23.88
N LYS A 127 -13.04 2.01 25.11
CA LYS A 127 -12.38 2.61 26.27
C LYS A 127 -11.64 1.58 27.12
N GLY A 128 -10.64 2.05 27.86
CA GLY A 128 -9.82 1.19 28.69
C GLY A 128 -8.38 1.14 28.21
N PRO A 129 -7.45 0.75 29.09
CA PRO A 129 -6.03 0.62 28.74
C PRO A 129 -5.81 -0.36 27.59
N ASN A 130 -6.57 -1.45 27.57
CA ASN A 130 -6.48 -2.44 26.51
C ASN A 130 -6.97 -1.88 25.18
N ALA A 131 -8.06 -1.11 25.24
CA ALA A 131 -8.61 -0.48 24.05
C ALA A 131 -7.63 0.56 23.50
N LYS A 132 -6.91 1.22 24.40
CA LYS A 132 -5.90 2.18 24.01
C LYS A 132 -4.73 1.48 23.32
N ALA A 133 -4.44 0.27 23.77
CA ALA A 133 -3.31 -0.51 23.24
C ALA A 133 -3.65 -1.09 21.87
N LEU A 134 -4.91 -1.44 21.68
CA LEU A 134 -5.37 -1.96 20.39
C LEU A 134 -5.23 -0.91 19.30
N GLN A 135 -5.66 0.30 19.61
CA GLN A 135 -5.63 1.39 18.64
C GLN A 135 -4.21 1.74 18.25
N VAL A 136 -3.28 1.49 19.17
CA VAL A 136 -1.86 1.73 18.91
C VAL A 136 -1.27 0.62 18.05
N MET A 137 -1.43 -0.63 18.50
CA MET A 137 -0.78 -1.77 17.86
C MET A 137 -1.32 -2.09 16.48
N LYS A 138 -2.59 -1.80 16.23
CA LYS A 138 -3.20 -2.17 14.97
C LYS A 138 -2.83 -1.20 13.86
N GLN A 139 -2.09 -0.15 14.21
CA GLN A 139 -1.56 0.77 13.22
C GLN A 139 -0.42 0.11 12.44
N THR A 140 0.07 -1.00 12.99
CA THR A 140 1.13 -1.77 12.34
C THR A 140 0.60 -3.13 11.92
N LEU A 141 0.59 -3.39 10.61
CA LEU A 141 0.06 -4.64 10.08
C LEU A 141 1.04 -5.79 10.31
N PRO A 142 0.51 -6.97 10.65
CA PRO A 142 1.32 -8.18 10.83
C PRO A 142 1.61 -8.88 9.52
N TYR A 143 1.29 -8.22 8.41
CA TYR A 143 1.52 -8.79 7.08
C TYR A 143 1.92 -7.70 6.10
N SER A 144 2.33 -8.12 4.90
CA SER A 144 2.72 -7.18 3.86
C SER A 144 1.60 -7.00 2.85
N VAL A 145 1.21 -5.75 2.61
CA VAL A 145 0.14 -5.44 1.67
C VAL A 145 0.53 -5.76 0.24
N ALA A 146 1.84 -5.84 -0.02
CA ALA A 146 2.34 -6.09 -1.37
C ALA A 146 2.20 -7.57 -1.76
N ASP A 147 2.13 -8.44 -0.75
CA ASP A 147 2.00 -9.87 -1.01
C ASP A 147 0.58 -10.25 -1.40
N LEU A 148 -0.36 -9.34 -1.17
CA LEU A 148 -1.78 -9.61 -1.42
C LEU A 148 -2.13 -9.56 -2.90
N GLU A 149 -2.71 -10.64 -3.39
CA GLU A 149 -3.15 -10.72 -4.78
C GLU A 149 -4.66 -10.56 -4.88
N TRP A 150 -5.12 -9.34 -5.16
CA TRP A 150 -6.54 -9.03 -5.17
C TRP A 150 -7.23 -9.44 -6.47
N ASP A 151 -8.54 -9.64 -6.40
CA ASP A 151 -9.33 -9.87 -7.60
C ASP A 151 -9.64 -8.53 -8.27
N ALA A 152 -10.41 -8.58 -9.36
CA ALA A 152 -10.68 -7.40 -10.15
C ALA A 152 -11.40 -6.30 -9.37
N GLY A 153 -12.41 -6.69 -8.59
CA GLY A 153 -13.20 -5.72 -7.85
C GLY A 153 -12.60 -5.33 -6.51
N HIS A 154 -11.41 -5.85 -6.22
CA HIS A 154 -10.72 -5.62 -4.94
C HIS A 154 -11.60 -6.01 -3.77
N LYS A 155 -12.26 -7.15 -3.88
CA LYS A 155 -13.15 -7.66 -2.83
C LYS A 155 -12.47 -8.78 -2.05
N THR A 156 -11.77 -9.64 -2.76
CA THR A 156 -11.06 -10.76 -2.13
C THR A 156 -9.62 -10.86 -2.62
N ASN A 157 -8.75 -11.39 -1.77
CA ASN A 157 -7.39 -11.74 -2.19
C ASN A 157 -7.15 -13.22 -1.94
N VAL A 158 -6.25 -13.82 -2.72
CA VAL A 158 -6.04 -15.27 -2.66
C VAL A 158 -5.43 -15.72 -1.33
N GLN A 159 -4.80 -14.80 -0.61
CA GLN A 159 -4.22 -15.11 0.69
C GLN A 159 -5.27 -15.15 1.79
N GLN A 160 -6.46 -14.65 1.47
CA GLN A 160 -7.54 -14.49 2.44
C GLN A 160 -7.05 -13.74 3.67
N CYS A 161 -6.30 -12.68 3.43
CA CYS A 161 -5.68 -11.89 4.48
C CYS A 161 -6.27 -10.48 4.50
N TYR A 162 -6.96 -10.14 5.58
CA TYR A 162 -7.64 -8.86 5.66
C TYR A 162 -7.41 -8.15 6.99
N CYS A 163 -7.88 -6.91 7.08
CA CYS A 163 -8.01 -6.20 8.34
C CYS A 163 -6.69 -5.95 9.06
N TYR A 164 -6.78 -5.52 10.32
CA TYR A 164 -5.60 -5.32 11.16
C TYR A 164 -5.06 -6.67 11.65
N CYS A 165 -5.93 -7.66 11.69
CA CYS A 165 -5.63 -8.94 12.31
C CYS A 165 -4.95 -9.93 11.36
N GLY A 166 -5.16 -9.74 10.06
CA GLY A 166 -4.57 -10.61 9.06
C GLY A 166 -5.38 -11.87 8.85
N GLY A 167 -6.61 -11.87 9.36
CA GLY A 167 -7.47 -13.03 9.27
C GLY A 167 -8.34 -13.06 8.03
N PRO A 168 -9.17 -14.11 7.89
CA PRO A 168 -10.06 -14.26 6.75
C PRO A 168 -11.25 -13.31 6.87
N GLY A 169 -12.02 -13.17 5.80
CA GLY A 169 -13.18 -12.29 5.85
C GLY A 169 -13.99 -12.24 4.58
N ASP A 170 -15.27 -11.94 4.74
CA ASP A 170 -16.16 -11.69 3.61
C ASP A 170 -16.56 -10.22 3.61
N TRP A 171 -16.18 -9.51 2.56
CA TRP A 171 -16.37 -8.07 2.49
C TRP A 171 -17.82 -7.65 2.69
N TYR A 172 -18.76 -8.49 2.25
CA TYR A 172 -20.18 -8.15 2.31
C TYR A 172 -20.80 -8.58 3.64
N LEU A 173 -20.02 -9.21 4.50
CA LEU A 173 -20.50 -9.66 5.80
C LEU A 173 -19.80 -8.94 6.96
N LYS A 174 -20.33 -7.77 7.32
CA LYS A 174 -19.83 -6.99 8.45
C LYS A 174 -18.36 -6.62 8.32
N MET A 175 -18.01 -5.96 7.21
CA MET A 175 -16.67 -5.44 7.03
C MET A 175 -16.71 -4.04 6.41
N LEU A 176 -15.75 -3.20 6.80
CA LEU A 176 -15.62 -1.85 6.28
C LEU A 176 -14.39 -1.73 5.38
N GLN A 177 -14.57 -1.12 4.21
CA GLN A 177 -13.43 -0.88 3.32
C GLN A 177 -12.86 0.51 3.54
N CYS A 178 -11.56 0.58 3.80
CA CYS A 178 -10.87 1.86 3.94
C CYS A 178 -10.82 2.55 2.59
N CYS A 179 -11.21 3.82 2.54
CA CYS A 179 -11.26 4.55 1.28
C CYS A 179 -9.87 4.90 0.75
N LYS A 180 -8.85 4.67 1.59
CA LYS A 180 -7.48 4.98 1.20
C LYS A 180 -6.73 3.74 0.70
N CYS A 181 -6.56 2.75 1.57
CA CYS A 181 -5.77 1.57 1.23
C CYS A 181 -6.61 0.46 0.59
N LYS A 182 -7.93 0.66 0.59
CA LYS A 182 -8.89 -0.25 -0.04
C LYS A 182 -8.93 -1.63 0.61
N GLN A 183 -8.27 -1.79 1.75
CA GLN A 183 -8.33 -3.04 2.51
C GLN A 183 -9.65 -3.10 3.29
N TRP A 184 -10.15 -4.32 3.49
CA TRP A 184 -11.39 -4.52 4.24
C TRP A 184 -11.11 -4.86 5.70
N PHE A 185 -11.90 -4.30 6.60
CA PHE A 185 -11.66 -4.45 8.03
C PHE A 185 -12.88 -4.98 8.77
N HIS A 186 -12.66 -5.92 9.68
CA HIS A 186 -13.75 -6.55 10.44
C HIS A 186 -14.49 -5.58 11.33
N GLU A 187 -15.80 -5.79 11.46
CA GLU A 187 -16.62 -5.07 12.42
C GLU A 187 -16.05 -5.22 13.83
N ALA A 188 -15.62 -6.45 14.14
CA ALA A 188 -15.13 -6.79 15.47
C ALA A 188 -13.80 -6.14 15.82
N CYS A 189 -13.08 -5.68 14.80
CA CYS A 189 -11.73 -5.15 15.00
C CYS A 189 -11.65 -3.62 14.98
N VAL A 190 -12.73 -2.96 14.53
CA VAL A 190 -12.74 -1.51 14.48
C VAL A 190 -13.33 -0.93 15.76
N GLN A 191 -13.00 0.33 16.04
CA GLN A 191 -13.43 0.97 17.27
C GLN A 191 -14.19 2.25 17.01
N CYS A 192 -14.81 2.35 15.83
CA CYS A 192 -15.47 3.59 15.43
C CYS A 192 -16.97 3.42 15.19
N LEU A 193 -17.46 2.20 15.26
CA LEU A 193 -18.87 1.93 15.00
C LEU A 193 -19.77 2.34 16.16
N GLN A 194 -20.95 2.87 15.84
CA GLN A 194 -21.94 3.23 16.85
C GLN A 194 -22.98 2.13 16.97
N LYS A 195 -23.19 1.41 15.87
CA LYS A 195 -24.17 0.32 15.83
C LYS A 195 -23.62 -0.83 14.99
N PRO A 196 -24.08 -2.07 15.28
CA PRO A 196 -23.67 -3.23 14.47
C PRO A 196 -23.99 -3.04 12.99
N MET A 197 -23.10 -3.53 12.13
CA MET A 197 -23.25 -3.33 10.69
C MET A 197 -24.31 -4.25 10.08
N LEU A 198 -24.93 -3.76 9.01
CA LEU A 198 -25.77 -4.59 8.16
C LEU A 198 -24.92 -5.22 7.07
N PHE A 199 -25.37 -6.35 6.54
CA PHE A 199 -24.64 -7.01 5.47
C PHE A 199 -24.62 -6.15 4.21
N GLY A 200 -23.46 -6.04 3.59
CA GLY A 200 -23.33 -5.32 2.33
C GLY A 200 -23.52 -3.81 2.44
N ASP A 201 -23.45 -3.29 3.65
CA ASP A 201 -23.62 -1.84 3.86
C ASP A 201 -22.31 -1.11 3.60
N ARG A 202 -22.19 -0.48 2.44
CA ARG A 202 -20.98 0.25 2.08
C ARG A 202 -21.21 1.75 2.14
N PHE A 203 -22.31 2.16 2.78
CA PHE A 203 -22.64 3.57 2.88
C PHE A 203 -21.87 4.24 4.03
N TYR A 204 -20.56 4.07 4.00
CA TYR A 204 -19.67 4.69 4.97
C TYR A 204 -18.47 5.31 4.28
N THR A 205 -17.89 6.33 4.90
CA THR A 205 -16.56 6.78 4.53
C THR A 205 -15.62 6.38 5.66
N PHE A 206 -14.74 5.43 5.38
CA PHE A 206 -13.91 4.85 6.43
C PHE A 206 -12.42 5.00 6.16
N ILE A 207 -11.69 5.47 7.15
CA ILE A 207 -10.24 5.51 7.09
C ILE A 207 -9.65 4.72 8.26
N CYS A 208 -8.93 3.65 7.95
CA CYS A 208 -8.41 2.76 8.97
C CYS A 208 -7.28 3.42 9.78
N SER A 209 -6.96 2.82 10.92
CA SER A 209 -5.92 3.35 11.80
C SER A 209 -4.54 3.30 11.17
N VAL A 210 -4.35 2.37 10.25
CA VAL A 210 -3.06 2.25 9.56
C VAL A 210 -2.80 3.47 8.69
N CYS A 211 -3.83 3.91 7.98
CA CYS A 211 -3.71 5.06 7.09
C CYS A 211 -3.76 6.39 7.85
N SER A 212 -4.44 6.40 9.00
CA SER A 212 -4.63 7.63 9.76
C SER A 212 -3.55 7.82 10.81
N SER A 213 -2.81 6.75 11.10
CA SER A 213 -1.80 6.75 12.16
C SER A 213 -2.38 7.25 13.48
N GLY A 214 -3.57 6.75 13.80
CA GLY A 214 -4.28 7.14 14.99
C GLY A 214 -5.69 6.57 14.99
N PRO A 215 -6.64 7.30 15.57
CA PRO A 215 -8.05 6.86 15.59
C PRO A 215 -8.62 6.71 14.18
N GLU A 216 -9.55 5.78 14.02
CA GLU A 216 -10.22 5.58 12.74
C GLU A 216 -11.17 6.72 12.44
N TYR A 217 -11.37 7.01 11.16
CA TYR A 217 -12.36 7.98 10.74
C TYR A 217 -13.57 7.26 10.15
N LEU A 218 -14.77 7.66 10.59
CA LEU A 218 -15.99 7.03 10.10
C LEU A 218 -17.12 8.04 9.95
N LYS A 219 -17.67 8.13 8.76
CA LYS A 219 -18.81 8.99 8.51
C LYS A 219 -19.90 8.23 7.75
N ARG A 220 -21.12 8.30 8.27
CA ARG A 220 -22.26 7.63 7.67
C ARG A 220 -22.77 8.38 6.44
N LEU A 221 -22.78 7.70 5.30
CA LEU A 221 -23.29 8.28 4.07
C LEU A 221 -24.81 8.18 4.01
N PRO A 222 -25.47 9.20 3.43
CA PRO A 222 -26.94 9.25 3.38
C PRO A 222 -27.54 8.18 2.46
N LEU A 223 -28.69 7.63 2.86
CA LEU A 223 -29.39 6.65 2.05
C LEU A 223 -30.66 7.23 1.46
N GLN A 224 -30.89 6.95 0.17
CA GLN A 224 -32.17 7.25 -0.45
C GLN A 224 -33.17 6.16 -0.07
N TRP A 225 -34.44 6.36 -0.40
CA TRP A 225 -35.45 5.34 -0.09
C TRP A 225 -35.16 4.06 -0.86
N VAL A 226 -34.66 4.19 -2.08
CA VAL A 226 -34.30 3.03 -2.89
C VAL A 226 -33.13 2.26 -2.26
N ASP A 227 -32.24 2.98 -1.58
CA ASP A 227 -31.10 2.37 -0.91
C ASP A 227 -31.55 1.59 0.32
N ILE A 228 -32.51 2.16 1.04
CA ILE A 228 -33.05 1.50 2.23
C ILE A 228 -33.73 0.19 1.86
N ALA A 229 -34.54 0.22 0.81
CA ALA A 229 -35.20 -0.99 0.32
C ALA A 229 -34.19 -2.00 -0.21
N HIS A 230 -33.23 -1.51 -0.98
CA HIS A 230 -32.22 -2.37 -1.58
C HIS A 230 -31.35 -3.07 -0.53
N LEU A 231 -30.86 -2.29 0.43
CA LEU A 231 -30.00 -2.81 1.48
C LEU A 231 -30.71 -3.86 2.32
N CYS A 232 -31.97 -3.59 2.65
CA CYS A 232 -32.74 -4.48 3.51
C CYS A 232 -33.21 -5.72 2.76
N LEU A 233 -33.51 -5.56 1.46
CA LEU A 233 -33.83 -6.71 0.62
C LEU A 233 -32.62 -7.62 0.48
N TYR A 234 -31.44 -7.01 0.33
CA TYR A 234 -30.19 -7.75 0.21
C TYR A 234 -29.91 -8.55 1.49
N ASN A 235 -30.11 -7.90 2.63
CA ASN A 235 -29.90 -8.55 3.92
C ASN A 235 -30.83 -9.75 4.11
N LEU A 236 -32.10 -9.57 3.75
CA LEU A 236 -33.09 -10.64 3.84
C LEU A 236 -32.71 -11.79 2.92
N SER A 237 -32.24 -11.46 1.73
CA SER A 237 -31.88 -12.47 0.74
C SER A 237 -30.69 -13.31 1.18
N VAL A 238 -29.71 -12.66 1.81
CA VAL A 238 -28.53 -13.34 2.31
C VAL A 238 -28.86 -14.23 3.50
N ILE A 239 -29.64 -13.69 4.43
CA ILE A 239 -30.01 -14.41 5.66
C ILE A 239 -30.91 -15.62 5.39
N HIS A 240 -31.95 -15.42 4.59
CA HIS A 240 -32.95 -16.45 4.39
C HIS A 240 -32.73 -17.26 3.12
N LYS A 241 -31.72 -16.88 2.34
CA LYS A 241 -31.34 -17.61 1.14
C LYS A 241 -32.48 -17.79 0.14
N LYS A 242 -33.19 -16.70 -0.15
CA LYS A 242 -34.21 -16.70 -1.19
C LYS A 242 -34.33 -15.32 -1.82
N LYS A 243 -35.12 -15.22 -2.88
CA LYS A 243 -35.17 -13.99 -3.67
C LYS A 243 -36.37 -13.11 -3.35
N TYR A 244 -37.56 -13.69 -3.38
CA TYR A 244 -38.79 -12.92 -3.25
C TYR A 244 -39.26 -12.80 -1.81
N PHE A 245 -39.65 -11.58 -1.42
CA PHE A 245 -40.15 -11.32 -0.07
C PHE A 245 -41.42 -10.48 -0.11
N ASP A 246 -42.27 -10.65 0.90
CA ASP A 246 -43.47 -9.84 1.01
C ASP A 246 -43.10 -8.41 1.39
N SER A 247 -43.51 -7.45 0.56
CA SER A 247 -43.11 -6.06 0.73
C SER A 247 -43.55 -5.48 2.07
N GLU A 248 -44.73 -5.86 2.54
CA GLU A 248 -45.26 -5.30 3.79
C GLU A 248 -44.96 -6.16 5.01
N LEU A 249 -45.13 -7.47 4.87
CA LEU A 249 -45.02 -8.37 6.02
C LEU A 249 -43.58 -8.81 6.31
N GLU A 250 -42.74 -8.84 5.28
CA GLU A 250 -41.36 -9.29 5.44
C GLU A 250 -40.35 -8.16 5.34
N LEU A 251 -40.37 -7.44 4.22
CA LEU A 251 -39.43 -6.35 3.99
C LEU A 251 -39.64 -5.20 4.97
N MET A 252 -40.87 -4.69 5.00
CA MET A 252 -41.18 -3.53 5.83
C MET A 252 -41.00 -3.83 7.32
N THR A 253 -41.23 -5.09 7.70
CA THR A 253 -41.01 -5.52 9.07
C THR A 253 -39.53 -5.43 9.44
N TYR A 254 -38.68 -5.91 8.54
CA TYR A 254 -37.23 -5.86 8.74
C TYR A 254 -36.74 -4.42 8.84
N ILE A 255 -37.24 -3.57 7.96
CA ILE A 255 -36.85 -2.16 7.91
C ILE A 255 -37.17 -1.44 9.21
N ASN A 256 -38.38 -1.64 9.72
CA ASN A 256 -38.83 -1.01 10.96
C ASN A 256 -38.06 -1.51 12.17
N GLU A 257 -37.75 -2.82 12.18
CA GLU A 257 -37.02 -3.42 13.29
C GLU A 257 -35.56 -2.99 13.28
N ASN A 258 -35.05 -2.62 12.11
CA ASN A 258 -33.67 -2.21 11.98
C ASN A 258 -33.52 -0.73 11.62
N TRP A 259 -34.56 0.05 11.92
CA TRP A 259 -34.59 1.45 11.53
C TRP A 259 -33.49 2.27 12.18
N ASP A 260 -33.28 2.07 13.48
CA ASP A 260 -32.23 2.77 14.20
C ASP A 260 -30.85 2.33 13.71
N ARG A 261 -30.71 1.02 13.48
CA ARG A 261 -29.44 0.47 13.04
C ARG A 261 -29.13 0.89 11.60
N LEU A 262 -30.17 1.28 10.87
CA LEU A 262 -30.02 1.76 9.50
C LEU A 262 -29.41 3.15 9.43
N HIS A 263 -29.73 3.99 10.40
CA HIS A 263 -29.20 5.34 10.47
C HIS A 263 -29.10 6.05 9.15
N PRO A 264 -30.20 6.19 8.45
CA PRO A 264 -30.20 6.61 7.05
C PRO A 264 -29.84 8.09 6.87
N GLY A 265 -30.01 8.89 7.91
CA GLY A 265 -29.69 10.31 7.83
C GLY A 265 -30.91 11.20 7.90
N GLU A 266 -31.17 11.92 6.82
CA GLU A 266 -32.26 12.89 6.78
C GLU A 266 -33.63 12.22 6.82
N LEU A 267 -33.67 10.96 6.39
CA LEU A 267 -34.93 10.22 6.34
C LEU A 267 -35.25 9.54 7.66
N ALA A 268 -34.38 9.71 8.65
CA ALA A 268 -34.52 9.02 9.93
C ALA A 268 -35.73 9.50 10.72
N ASP A 269 -36.11 10.77 10.52
CA ASP A 269 -37.22 11.34 11.27
C ASP A 269 -38.58 10.92 10.72
N THR A 270 -38.57 10.19 9.62
CA THR A 270 -39.80 9.73 8.99
C THR A 270 -40.60 8.84 9.92
N PRO A 271 -41.86 9.22 10.19
CA PRO A 271 -42.78 8.43 11.02
C PRO A 271 -42.94 7.00 10.49
N LYS A 272 -43.04 6.04 11.41
CA LYS A 272 -43.14 4.63 11.06
C LYS A 272 -44.26 4.33 10.06
N SER A 273 -45.41 4.97 10.27
CA SER A 273 -46.57 4.76 9.42
C SER A 273 -46.38 5.30 8.01
N GLU A 274 -45.45 6.24 7.87
CA GLU A 274 -45.22 6.91 6.60
C GLU A 274 -44.14 6.20 5.77
N ARG A 275 -43.32 5.41 6.44
CA ARG A 275 -42.17 4.77 5.80
C ARG A 275 -42.58 3.82 4.67
N TYR A 276 -43.67 3.06 4.88
CA TYR A 276 -44.09 2.06 3.91
C TYR A 276 -44.52 2.69 2.58
N GLU A 277 -45.10 3.89 2.65
CA GLU A 277 -45.50 4.62 1.46
C GLU A 277 -44.31 4.83 0.52
N HIS A 278 -43.20 5.27 1.08
CA HIS A 278 -42.02 5.59 0.30
C HIS A 278 -41.24 4.34 -0.09
N VAL A 279 -41.27 3.32 0.75
CA VAL A 279 -40.61 2.06 0.45
C VAL A 279 -41.32 1.35 -0.71
N LEU A 280 -42.65 1.32 -0.66
CA LEU A 280 -43.44 0.66 -1.68
C LEU A 280 -43.26 1.33 -3.04
N GLU A 281 -43.20 2.66 -3.04
CA GLU A 281 -43.00 3.40 -4.28
C GLU A 281 -41.60 3.14 -4.83
N ALA A 282 -40.61 3.10 -3.95
CA ALA A 282 -39.23 2.81 -4.35
C ALA A 282 -39.13 1.44 -5.01
N LEU A 283 -39.88 0.47 -4.48
CA LEU A 283 -39.89 -0.87 -5.05
C LEU A 283 -40.49 -0.88 -6.45
N ASN A 284 -41.50 -0.03 -6.67
CA ASN A 284 -42.18 0.03 -7.95
C ASN A 284 -41.50 0.96 -8.95
N ASP A 285 -40.78 1.97 -8.46
CA ASP A 285 -40.16 2.96 -9.32
C ASP A 285 -38.82 2.50 -9.88
N TYR A 286 -38.03 1.83 -9.05
CA TYR A 286 -36.71 1.37 -9.46
C TYR A 286 -36.79 -0.01 -10.08
N LYS A 287 -37.32 -0.07 -11.29
CA LYS A 287 -37.54 -1.32 -12.01
C LYS A 287 -36.24 -2.08 -12.26
N THR A 288 -35.15 -1.34 -12.43
CA THR A 288 -33.84 -1.95 -12.71
C THR A 288 -33.37 -2.85 -11.57
N MET A 289 -33.60 -2.41 -10.34
CA MET A 289 -33.11 -3.13 -9.18
C MET A 289 -34.13 -4.10 -8.60
N PHE A 290 -35.39 -3.68 -8.56
CA PHE A 290 -36.42 -4.45 -7.87
C PHE A 290 -37.34 -5.20 -8.84
N MET A 291 -37.68 -6.43 -8.47
CA MET A 291 -38.43 -7.32 -9.34
C MET A 291 -39.70 -7.81 -8.67
N SER A 292 -40.85 -7.40 -9.21
CA SER A 292 -42.13 -7.84 -8.66
C SER A 292 -42.43 -9.29 -9.01
N GLY A 293 -43.22 -9.94 -8.18
CA GLY A 293 -43.60 -11.33 -8.42
C GLY A 293 -44.46 -11.51 -9.65
N LYS A 294 -45.09 -10.42 -10.10
CA LYS A 294 -45.97 -10.45 -11.24
C LYS A 294 -45.22 -10.81 -12.53
N GLU A 295 -43.92 -10.54 -12.54
CA GLU A 295 -43.10 -10.78 -13.72
C GLU A 295 -42.88 -12.28 -13.96
N ILE A 296 -43.15 -13.08 -12.94
CA ILE A 296 -43.06 -14.53 -13.08
C ILE A 296 -44.39 -15.20 -12.69
N LYS A 297 -45.48 -14.47 -12.90
CA LYS A 297 -46.84 -14.98 -12.67
C LYS A 297 -47.11 -15.31 -11.22
N LYS A 298 -46.45 -14.62 -10.29
CA LYS A 298 -46.73 -14.81 -8.87
C LYS A 298 -47.32 -13.54 -8.27
N LYS A 299 -47.54 -13.56 -6.96
CA LYS A 299 -48.19 -12.45 -6.25
C LYS A 299 -47.46 -11.13 -6.51
N LYS A 300 -48.23 -10.08 -6.78
CA LYS A 300 -47.67 -8.80 -7.22
C LYS A 300 -46.86 -8.10 -6.14
N HIS A 301 -47.25 -8.25 -4.87
CA HIS A 301 -46.57 -7.53 -3.80
C HIS A 301 -45.38 -8.31 -3.24
N LEU A 302 -44.97 -9.35 -3.95
CA LEU A 302 -43.71 -10.01 -3.69
C LEU A 302 -42.62 -9.32 -4.48
N PHE A 303 -41.52 -8.97 -3.81
CA PHE A 303 -40.42 -8.28 -4.47
C PHE A 303 -39.07 -8.91 -4.16
N GLY A 304 -38.19 -8.89 -5.17
CA GLY A 304 -36.84 -9.41 -5.01
C GLY A 304 -35.86 -8.65 -5.87
N LEU A 305 -34.57 -8.77 -5.54
CA LEU A 305 -33.52 -8.13 -6.32
C LEU A 305 -33.25 -8.94 -7.58
N ARG A 306 -33.11 -8.25 -8.71
CA ARG A 306 -32.74 -8.92 -9.95
C ARG A 306 -31.34 -9.50 -9.82
N ILE A 307 -30.45 -8.73 -9.20
CA ILE A 307 -29.09 -9.18 -8.91
C ILE A 307 -28.84 -9.06 -7.41
N ARG A 308 -28.52 -10.18 -6.76
CA ARG A 308 -28.30 -10.16 -5.32
C ARG A 308 -26.95 -9.53 -4.97
N VAL A 309 -26.88 -8.20 -5.13
CA VAL A 309 -25.69 -7.45 -4.76
C VAL A 309 -26.10 -6.22 -3.94
N PRO A 310 -25.20 -5.74 -3.07
CA PRO A 310 -25.49 -4.56 -2.25
C PRO A 310 -25.76 -3.31 -3.09
N PRO A 311 -26.45 -2.32 -2.52
CA PRO A 311 -26.67 -1.04 -3.21
C PRO A 311 -25.37 -0.25 -3.38
N VAL A 312 -25.33 0.59 -4.41
CA VAL A 312 -24.14 1.40 -4.68
C VAL A 312 -24.12 2.67 -3.83
N PRO A 313 -23.06 2.86 -3.05
CA PRO A 313 -22.93 4.06 -2.22
C PRO A 313 -22.63 5.29 -3.08
N PRO A 314 -23.03 6.48 -2.60
CA PRO A 314 -22.77 7.72 -3.36
C PRO A 314 -21.33 8.20 -3.20
N ASN A 315 -20.82 8.97 -4.16
CA ASN A 315 -19.52 9.59 -4.01
C ASN A 315 -19.60 10.77 -3.06
N VAL A 316 -18.61 10.92 -2.19
CA VAL A 316 -18.61 11.99 -1.20
C VAL A 316 -18.06 13.28 -1.80
N LYS B 4 2.30 7.78 -35.84
CA LYS B 4 2.17 6.34 -35.90
C LYS B 4 3.53 5.66 -35.85
N PHE B 5 3.58 4.48 -35.25
CA PHE B 5 4.79 3.67 -35.25
C PHE B 5 4.66 2.53 -36.25
N GLU B 6 5.72 1.74 -36.40
CA GLU B 6 5.68 0.53 -37.21
C GLU B 6 6.77 -0.44 -36.79
N GLU B 7 6.49 -1.73 -36.92
CA GLU B 7 7.41 -2.77 -36.48
C GLU B 7 8.72 -2.73 -37.26
N GLY B 8 9.84 -2.68 -36.53
CA GLY B 8 11.15 -2.66 -37.15
C GLY B 8 11.77 -1.26 -37.18
N GLN B 9 11.04 -0.29 -36.64
CA GLN B 9 11.50 1.10 -36.65
C GLN B 9 12.50 1.39 -35.54
N ASP B 10 13.54 2.14 -35.86
CA ASP B 10 14.51 2.60 -34.88
C ASP B 10 13.94 3.77 -34.09
N VAL B 11 13.99 3.67 -32.77
CA VAL B 11 13.47 4.73 -31.90
C VAL B 11 14.36 4.97 -30.68
N LEU B 12 14.06 6.05 -29.97
CA LEU B 12 14.67 6.33 -28.67
C LEU B 12 13.63 6.11 -27.58
N ALA B 13 13.93 5.22 -26.65
CA ALA B 13 12.99 4.89 -25.59
C ALA B 13 13.51 5.31 -24.22
N ARG B 14 12.70 6.07 -23.49
CA ARG B 14 13.07 6.49 -22.14
C ARG B 14 12.80 5.38 -21.14
N TRP B 15 13.83 4.98 -20.41
CA TRP B 15 13.73 3.94 -19.41
C TRP B 15 13.28 4.53 -18.08
N SER B 16 13.04 3.67 -17.08
CA SER B 16 12.56 4.10 -15.78
C SER B 16 13.61 4.83 -14.95
N ASP B 17 14.76 5.11 -15.55
CA ASP B 17 15.80 5.90 -14.89
C ASP B 17 15.86 7.32 -15.47
N GLY B 18 14.92 7.62 -16.36
CA GLY B 18 14.82 8.94 -16.94
C GLY B 18 15.67 9.14 -18.19
N LEU B 19 16.46 8.14 -18.54
CA LEU B 19 17.39 8.25 -19.67
C LEU B 19 16.84 7.59 -20.93
N PHE B 20 17.23 8.11 -22.08
CA PHE B 20 16.81 7.55 -23.36
C PHE B 20 17.79 6.51 -23.88
N TYR B 21 17.26 5.41 -24.40
CA TYR B 21 18.08 4.35 -24.96
C TYR B 21 17.63 3.99 -26.38
N LEU B 22 18.59 3.76 -27.27
CA LEU B 22 18.28 3.39 -28.64
C LEU B 22 17.72 1.97 -28.70
N GLY B 23 16.64 1.79 -29.45
CA GLY B 23 16.01 0.49 -29.56
C GLY B 23 15.25 0.30 -30.85
N THR B 24 14.72 -0.91 -31.05
CA THR B 24 13.97 -1.24 -32.26
C THR B 24 12.59 -1.79 -31.90
N ILE B 25 11.55 -1.20 -32.48
CA ILE B 25 10.19 -1.66 -32.25
C ILE B 25 9.95 -3.03 -32.89
N LYS B 26 9.69 -4.04 -32.07
CA LYS B 26 9.42 -5.37 -32.58
C LYS B 26 7.90 -5.60 -32.67
N LYS B 27 7.18 -5.19 -31.64
CA LYS B 27 5.72 -5.35 -31.60
C LYS B 27 5.03 -4.05 -31.22
N ILE B 28 3.73 -3.97 -31.49
CA ILE B 28 2.93 -2.82 -31.11
C ILE B 28 1.61 -3.25 -30.48
N ASN B 29 1.37 -2.80 -29.25
CA ASN B 29 0.09 -3.04 -28.58
C ASN B 29 -0.79 -1.79 -28.69
N ILE B 30 -1.94 -1.93 -29.36
CA ILE B 30 -2.74 -0.77 -29.79
C ILE B 30 -3.25 0.12 -28.65
N LEU B 31 -3.67 -0.46 -27.53
CA LEU B 31 -3.86 0.35 -26.33
C LEU B 31 -3.61 -0.42 -25.02
N LYS B 32 -2.47 -1.06 -24.94
CA LYS B 32 -1.73 -1.15 -23.69
C LYS B 32 -0.82 0.06 -23.83
N GLN B 33 -0.94 0.66 -25.01
CA GLN B 33 -0.32 1.92 -25.39
C GLN B 33 1.19 1.82 -25.29
N SER B 34 1.72 0.65 -25.66
CA SER B 34 3.14 0.37 -25.52
C SER B 34 3.70 -0.29 -26.78
N CYS B 35 5.02 -0.27 -26.89
CA CYS B 35 5.72 -0.99 -27.93
C CYS B 35 6.75 -1.92 -27.29
N PHE B 36 6.76 -3.18 -27.72
CA PHE B 36 7.77 -4.12 -27.25
C PHE B 36 9.09 -3.83 -27.96
N ILE B 37 10.06 -3.33 -27.20
CA ILE B 37 11.30 -2.83 -27.77
C ILE B 37 12.52 -3.65 -27.38
N ILE B 38 13.34 -4.00 -28.37
CA ILE B 38 14.61 -4.65 -28.10
C ILE B 38 15.72 -3.60 -28.12
N PHE B 39 16.56 -3.63 -27.09
CA PHE B 39 17.63 -2.65 -26.95
C PHE B 39 18.95 -3.20 -27.49
N GLU B 40 19.99 -2.37 -27.46
CA GLU B 40 21.27 -2.71 -28.08
C GLU B 40 21.96 -3.92 -27.45
N ASP B 41 21.63 -4.18 -26.18
CA ASP B 41 22.21 -5.33 -25.47
C ASP B 41 21.29 -6.54 -25.57
N SER B 42 20.43 -6.53 -26.58
CA SER B 42 19.46 -7.60 -26.83
C SER B 42 18.48 -7.79 -25.68
N SER B 43 18.37 -6.79 -24.82
CA SER B 43 17.38 -6.80 -23.75
C SER B 43 16.04 -6.30 -24.30
N LYS B 44 14.95 -6.86 -23.79
CA LYS B 44 13.63 -6.59 -24.35
C LYS B 44 12.63 -6.16 -23.28
N SER B 45 11.79 -5.19 -23.61
CA SER B 45 10.81 -4.66 -22.66
C SER B 45 9.70 -3.88 -23.35
N TRP B 46 8.56 -3.73 -22.66
CA TRP B 46 7.47 -2.90 -23.15
C TRP B 46 7.67 -1.45 -22.71
N VAL B 47 7.47 -0.52 -23.64
CA VAL B 47 7.66 0.91 -23.35
C VAL B 47 6.45 1.72 -23.77
N LEU B 48 5.95 2.54 -22.84
CA LEU B 48 4.79 3.39 -23.11
C LEU B 48 5.11 4.41 -24.20
N TRP B 49 4.08 4.80 -24.95
CA TRP B 49 4.25 5.69 -26.10
C TRP B 49 4.77 7.07 -25.71
N LYS B 50 4.43 7.51 -24.51
CA LYS B 50 4.88 8.81 -24.03
C LYS B 50 6.39 8.82 -23.80
N ASP B 51 6.98 7.63 -23.77
CA ASP B 51 8.41 7.48 -23.52
C ASP B 51 9.16 7.05 -24.76
N ILE B 52 8.48 7.11 -25.91
CA ILE B 52 9.09 6.75 -27.19
C ILE B 52 9.29 7.97 -28.07
N GLN B 53 10.54 8.21 -28.48
CA GLN B 53 10.88 9.37 -29.29
C GLN B 53 11.25 8.95 -30.72
N THR B 54 10.51 9.47 -31.69
CA THR B 54 10.77 9.16 -33.09
C THR B 54 11.69 10.20 -33.73
N CYS B 64 5.70 23.52 -36.42
CA CYS B 64 6.23 23.20 -35.10
C CYS B 64 6.22 21.69 -34.86
N THR B 65 7.06 21.24 -33.93
CA THR B 65 7.12 19.83 -33.59
C THR B 65 5.96 19.49 -32.64
N ILE B 66 5.35 20.54 -32.08
CA ILE B 66 4.25 20.37 -31.14
C ILE B 66 2.91 20.80 -31.76
N CYS B 67 2.97 21.40 -32.95
CA CYS B 67 1.79 21.98 -33.56
C CYS B 67 1.60 21.59 -35.03
N GLN B 68 2.66 21.09 -35.66
CA GLN B 68 2.62 20.60 -37.05
C GLN B 68 2.24 21.66 -38.08
N GLU B 69 2.38 22.92 -37.73
CA GLU B 69 1.98 24.01 -38.61
C GLU B 69 3.18 24.88 -38.99
N GLU B 70 3.17 25.43 -40.20
CA GLU B 70 4.34 26.09 -40.76
C GLU B 70 4.43 27.58 -40.47
N TYR B 71 3.33 28.18 -40.02
CA TYR B 71 3.27 29.63 -39.87
C TYR B 71 4.14 30.17 -38.74
N SER B 72 5.04 31.10 -39.09
CA SER B 72 5.84 31.81 -38.10
C SER B 72 5.17 33.13 -37.76
N GLU B 73 4.51 33.20 -36.60
CA GLU B 73 3.84 34.43 -36.19
C GLU B 73 4.80 35.44 -35.59
N ALA B 74 4.23 36.43 -34.91
CA ALA B 74 4.99 37.43 -34.17
C ALA B 74 4.05 38.15 -33.20
N PRO B 75 4.34 38.11 -31.90
CA PRO B 75 5.54 37.56 -31.25
C PRO B 75 5.49 36.07 -30.95
N ASN B 76 4.80 35.29 -31.78
CA ASN B 76 4.79 33.84 -31.65
C ASN B 76 5.66 33.21 -32.73
N GLU B 77 6.92 33.65 -32.81
CA GLU B 77 7.82 33.22 -33.87
C GLU B 77 8.24 31.77 -33.77
N MET B 78 8.56 31.17 -34.91
CA MET B 78 9.06 29.81 -34.99
C MET B 78 10.56 29.77 -34.68
N VAL B 79 10.94 29.04 -33.64
CA VAL B 79 12.33 28.94 -33.24
C VAL B 79 12.87 27.54 -33.51
N ILE B 80 14.06 27.47 -34.10
CA ILE B 80 14.67 26.19 -34.44
C ILE B 80 15.82 25.87 -33.49
N CYS B 81 15.79 24.67 -32.89
CA CYS B 81 16.84 24.23 -31.99
C CYS B 81 18.19 24.21 -32.70
N ASP B 82 19.25 24.52 -31.98
CA ASP B 82 20.58 24.64 -32.58
C ASP B 82 21.41 23.36 -32.47
N LYS B 83 20.73 22.25 -32.17
CA LYS B 83 21.41 20.94 -32.14
C LYS B 83 20.66 19.91 -32.98
N CYS B 84 19.37 19.71 -32.69
CA CYS B 84 18.58 18.74 -33.43
C CYS B 84 17.90 19.40 -34.63
N GLY B 85 17.86 20.73 -34.62
CA GLY B 85 17.34 21.48 -35.74
C GLY B 85 15.85 21.32 -35.97
N GLN B 86 15.09 21.12 -34.90
CA GLN B 86 13.64 21.01 -35.00
C GLN B 86 12.97 22.28 -34.50
N GLY B 87 11.86 22.66 -35.12
CA GLY B 87 11.22 23.93 -34.88
C GLY B 87 10.15 23.94 -33.80
N TYR B 88 10.04 25.07 -33.11
CA TYR B 88 9.05 25.25 -32.05
C TYR B 88 8.50 26.67 -32.06
N HIS B 89 7.19 26.81 -31.93
CA HIS B 89 6.58 28.12 -31.73
C HIS B 89 6.92 28.61 -30.32
N GLN B 90 6.94 29.92 -30.13
CA GLN B 90 7.33 30.50 -28.84
C GLN B 90 6.40 30.08 -27.71
N LEU B 91 5.15 29.75 -28.06
CA LEU B 91 4.14 29.42 -27.07
C LEU B 91 3.70 27.96 -27.15
N CYS B 92 4.42 27.17 -27.94
CA CYS B 92 4.16 25.74 -28.05
C CYS B 92 5.18 24.93 -27.26
N HIS B 93 6.36 25.52 -27.05
CA HIS B 93 7.42 24.87 -26.30
C HIS B 93 7.08 24.85 -24.81
N THR B 94 7.64 23.90 -24.08
CA THR B 94 7.43 23.80 -22.65
C THR B 94 8.74 23.86 -21.88
N PRO B 95 9.03 24.99 -21.22
CA PRO B 95 8.16 26.17 -21.12
C PRO B 95 8.23 27.06 -22.36
N HIS B 96 7.45 28.14 -22.37
CA HIS B 96 7.38 29.04 -23.51
C HIS B 96 8.69 29.78 -23.73
N ILE B 97 8.98 30.12 -24.98
CA ILE B 97 10.19 30.83 -25.33
C ILE B 97 9.92 32.32 -25.52
N ASP B 98 10.49 33.15 -24.65
CA ASP B 98 10.37 34.59 -24.80
C ASP B 98 11.59 35.14 -25.52
N CYS B 99 11.64 36.46 -25.69
CA CYS B 99 12.77 37.14 -26.30
C CYS B 99 13.08 36.61 -27.70
N LYS B 107 21.92 31.43 -28.79
CA LYS B 107 21.89 30.01 -29.09
C LYS B 107 20.86 29.29 -28.21
N TRP B 108 19.90 28.63 -28.86
CA TRP B 108 18.78 28.02 -28.13
C TRP B 108 18.70 26.50 -28.33
N LEU B 109 18.34 25.81 -27.25
CA LEU B 109 18.14 24.37 -27.28
C LEU B 109 16.77 24.00 -26.73
N CYS B 110 16.13 23.02 -27.36
CA CYS B 110 14.79 22.61 -26.93
C CYS B 110 14.85 21.70 -25.71
N ARG B 111 13.70 21.43 -25.13
CA ARG B 111 13.62 20.69 -23.86
C ARG B 111 14.25 19.31 -23.93
N GLN B 112 13.87 18.53 -24.93
CA GLN B 112 14.35 17.15 -25.01
C GLN B 112 15.80 17.06 -25.50
N CYS B 113 16.33 18.19 -25.95
CA CYS B 113 17.76 18.28 -26.26
C CYS B 113 18.52 18.73 -25.01
N VAL B 114 17.86 19.58 -24.22
CA VAL B 114 18.42 20.04 -22.96
C VAL B 114 18.53 18.86 -21.99
N PHE B 115 17.46 18.07 -21.90
CA PHE B 115 17.45 16.89 -21.03
C PHE B 115 18.45 15.84 -21.49
N ALA B 116 18.56 15.64 -22.80
CA ALA B 116 19.42 14.61 -23.35
C ALA B 116 20.90 14.87 -23.08
N THR B 117 21.28 16.15 -23.12
CA THR B 117 22.69 16.52 -22.98
C THR B 117 23.08 16.84 -21.53
N THR B 118 22.12 16.72 -20.61
CA THR B 118 22.38 17.06 -19.21
C THR B 118 22.13 15.89 -18.26
N THR B 119 21.02 15.18 -18.47
CA THR B 119 20.66 14.07 -17.59
C THR B 119 21.57 12.88 -17.81
N LYS B 120 22.05 12.30 -16.71
CA LYS B 120 22.96 11.16 -16.77
C LYS B 120 23.04 10.46 -15.42
N ARG B 121 23.45 9.20 -15.44
CA ARG B 121 23.59 8.40 -14.23
C ARG B 121 24.51 9.08 -13.22
N GLY B 122 24.12 9.08 -11.96
CA GLY B 122 24.90 9.70 -10.91
C GLY B 122 24.47 11.12 -10.63
N GLY B 123 23.63 11.68 -11.50
CA GLY B 123 23.16 13.04 -11.35
C GLY B 123 23.42 13.88 -12.57
N ALA B 124 22.50 14.81 -12.87
CA ALA B 124 22.62 15.66 -14.05
C ALA B 124 23.73 16.69 -13.90
N LEU B 125 24.19 17.22 -15.02
CA LEU B 125 25.23 18.24 -15.04
C LEU B 125 24.81 19.47 -14.25
N LYS B 126 25.74 20.04 -13.50
CA LYS B 126 25.44 21.20 -12.67
C LYS B 126 25.95 22.50 -13.27
N LYS B 127 26.95 22.40 -14.14
CA LYS B 127 27.59 23.58 -14.71
C LYS B 127 27.54 23.61 -16.23
N GLY B 128 27.55 24.81 -16.79
CA GLY B 128 27.52 24.99 -18.22
C GLY B 128 26.17 25.51 -18.70
N PRO B 129 26.11 25.95 -19.96
CA PRO B 129 24.89 26.49 -20.56
C PRO B 129 23.75 25.49 -20.59
N ASN B 130 24.05 24.24 -20.94
CA ASN B 130 23.03 23.19 -20.99
C ASN B 130 22.45 22.90 -19.61
N ALA B 131 23.32 22.87 -18.60
CA ALA B 131 22.90 22.61 -17.23
C ALA B 131 21.99 23.73 -16.71
N LYS B 132 22.28 24.96 -17.11
CA LYS B 132 21.46 26.11 -16.72
C LYS B 132 20.12 26.11 -17.44
N ALA B 133 20.11 25.61 -18.67
CA ALA B 133 18.87 25.50 -19.43
C ALA B 133 17.98 24.44 -18.80
N LEU B 134 18.60 23.41 -18.24
CA LEU B 134 17.88 22.36 -17.54
C LEU B 134 17.26 22.90 -16.26
N GLN B 135 18.02 23.72 -15.54
CA GLN B 135 17.56 24.29 -14.29
C GLN B 135 16.32 25.16 -14.48
N VAL B 136 16.23 25.81 -15.63
CA VAL B 136 15.10 26.66 -15.96
C VAL B 136 13.89 25.84 -16.39
N MET B 137 14.10 24.93 -17.34
CA MET B 137 13.00 24.15 -17.90
C MET B 137 12.47 23.10 -16.93
N LYS B 138 13.28 22.73 -15.94
CA LYS B 138 12.85 21.76 -14.92
C LYS B 138 11.71 22.30 -14.07
N GLN B 139 11.63 23.63 -13.97
CA GLN B 139 10.66 24.27 -13.09
C GLN B 139 9.24 24.15 -13.64
N THR B 140 9.12 23.69 -14.88
CA THR B 140 7.81 23.53 -15.52
C THR B 140 7.61 22.08 -15.98
N LEU B 141 6.56 21.46 -15.49
CA LEU B 141 6.26 20.07 -15.82
C LEU B 141 5.56 19.96 -17.17
N PRO B 142 5.90 18.90 -17.94
CA PRO B 142 5.28 18.63 -19.25
C PRO B 142 3.96 17.90 -19.11
N TYR B 143 3.45 17.82 -17.88
CA TYR B 143 2.18 17.16 -17.61
C TYR B 143 1.44 17.86 -16.48
N SER B 144 0.19 17.47 -16.27
CA SER B 144 -0.60 18.06 -15.20
C SER B 144 -0.59 17.16 -13.96
N VAL B 145 -0.31 17.76 -12.81
CA VAL B 145 -0.28 17.03 -11.55
C VAL B 145 -1.65 16.51 -11.16
N ALA B 146 -2.70 17.09 -11.74
CA ALA B 146 -4.06 16.72 -11.43
C ALA B 146 -4.47 15.41 -12.12
N ASP B 147 -3.83 15.12 -13.25
CA ASP B 147 -4.19 13.95 -14.04
C ASP B 147 -3.52 12.67 -13.57
N LEU B 148 -2.83 12.75 -12.43
CA LEU B 148 -2.13 11.59 -11.89
C LEU B 148 -2.97 10.86 -10.86
N GLU B 149 -2.99 9.53 -10.96
CA GLU B 149 -3.76 8.69 -10.06
C GLU B 149 -2.84 7.80 -9.23
N TRP B 150 -2.58 8.21 -7.98
CA TRP B 150 -1.60 7.53 -7.13
C TRP B 150 -2.20 6.39 -6.31
N ASP B 151 -1.34 5.46 -5.90
CA ASP B 151 -1.75 4.40 -5.00
C ASP B 151 -1.81 4.94 -3.57
N ALA B 152 -2.14 4.07 -2.62
CA ALA B 152 -2.36 4.48 -1.24
C ALA B 152 -1.11 5.13 -0.62
N GLY B 153 0.05 4.53 -0.86
CA GLY B 153 1.28 5.03 -0.28
C GLY B 153 1.97 6.10 -1.10
N HIS B 154 1.32 6.54 -2.16
CA HIS B 154 1.86 7.56 -3.06
C HIS B 154 3.24 7.16 -3.60
N LYS B 155 3.37 5.90 -3.99
CA LYS B 155 4.63 5.38 -4.50
C LYS B 155 4.59 5.27 -6.02
N THR B 156 3.45 4.82 -6.54
CA THR B 156 3.27 4.66 -7.97
C THR B 156 1.97 5.31 -8.44
N ASN B 157 1.94 5.74 -9.69
CA ASN B 157 0.70 6.20 -10.30
C ASN B 157 0.40 5.43 -11.57
N VAL B 158 -0.88 5.37 -11.93
CA VAL B 158 -1.35 4.59 -13.07
C VAL B 158 -0.69 5.04 -14.38
N GLN B 159 -0.49 6.35 -14.50
CA GLN B 159 0.06 6.92 -15.73
C GLN B 159 1.55 6.62 -15.89
N GLN B 160 2.16 6.11 -14.83
CA GLN B 160 3.62 5.90 -14.78
C GLN B 160 4.35 7.18 -15.15
N CYS B 161 3.88 8.28 -14.60
CA CYS B 161 4.39 9.60 -14.94
C CYS B 161 5.04 10.25 -13.73
N TYR B 162 6.36 10.43 -13.79
CA TYR B 162 7.11 10.95 -12.65
C TYR B 162 8.08 12.04 -13.05
N CYS B 163 8.70 12.65 -12.05
CA CYS B 163 9.87 13.52 -12.24
C CYS B 163 9.58 14.76 -13.10
N TYR B 164 10.64 15.48 -13.44
CA TYR B 164 10.53 16.63 -14.33
C TYR B 164 10.32 16.17 -15.77
N CYS B 165 10.80 14.97 -16.07
CA CYS B 165 10.81 14.47 -17.45
C CYS B 165 9.48 13.91 -17.89
N GLY B 166 8.72 13.37 -16.95
CA GLY B 166 7.42 12.78 -17.26
C GLY B 166 7.54 11.32 -17.65
N GLY B 167 8.70 10.74 -17.40
CA GLY B 167 8.94 9.36 -17.75
C GLY B 167 8.52 8.38 -16.65
N PRO B 168 8.75 7.08 -16.90
CA PRO B 168 8.42 6.06 -15.90
C PRO B 168 9.44 6.04 -14.78
N GLY B 169 9.20 5.27 -13.73
CA GLY B 169 10.13 5.22 -12.63
C GLY B 169 9.75 4.28 -11.50
N ASP B 170 10.77 3.78 -10.82
CA ASP B 170 10.57 2.94 -9.64
C ASP B 170 11.08 3.68 -8.41
N TRP B 171 10.17 3.99 -7.50
CA TRP B 171 10.47 4.80 -6.32
C TRP B 171 11.54 4.15 -5.45
N TYR B 172 11.55 2.82 -5.40
CA TYR B 172 12.42 2.06 -4.50
C TYR B 172 13.84 1.92 -5.03
N LEU B 173 14.09 2.46 -6.21
CA LEU B 173 15.45 2.45 -6.75
C LEU B 173 16.12 3.79 -6.48
N LYS B 174 16.58 4.44 -7.53
CA LYS B 174 17.29 5.71 -7.36
C LYS B 174 16.41 6.92 -7.69
N MET B 175 15.43 7.18 -6.83
CA MET B 175 14.55 8.32 -6.99
C MET B 175 14.36 9.05 -5.66
N LEU B 176 14.10 10.34 -5.73
CA LEU B 176 13.88 11.15 -4.55
C LEU B 176 12.46 11.70 -4.55
N GLN B 177 11.79 11.61 -3.40
CA GLN B 177 10.47 12.18 -3.27
C GLN B 177 10.51 13.58 -2.69
N CYS B 178 9.85 14.52 -3.37
CA CYS B 178 9.75 15.88 -2.88
C CYS B 178 8.82 15.93 -1.68
N CYS B 179 9.24 16.62 -0.62
CA CYS B 179 8.46 16.66 0.61
C CYS B 179 7.29 17.64 0.52
N LYS B 180 7.17 18.30 -0.63
CA LYS B 180 6.09 19.26 -0.86
C LYS B 180 5.03 18.68 -1.79
N CYS B 181 5.40 18.44 -3.03
CA CYS B 181 4.45 17.96 -4.05
C CYS B 181 4.31 16.44 -4.04
N LYS B 182 5.18 15.77 -3.29
CA LYS B 182 5.15 14.30 -3.10
C LYS B 182 5.44 13.51 -4.38
N GLN B 183 5.85 14.19 -5.44
CA GLN B 183 6.25 13.52 -6.68
C GLN B 183 7.64 12.92 -6.52
N TRP B 184 7.92 11.84 -7.26
CA TRP B 184 9.23 11.21 -7.23
C TRP B 184 10.08 11.66 -8.41
N PHE B 185 11.37 11.86 -8.18
CA PHE B 185 12.26 12.42 -9.19
C PHE B 185 13.52 11.57 -9.38
N HIS B 186 13.91 11.37 -10.65
CA HIS B 186 15.06 10.55 -10.99
C HIS B 186 16.38 11.14 -10.49
N GLU B 187 17.33 10.27 -10.16
CA GLU B 187 18.68 10.69 -9.82
C GLU B 187 19.30 11.44 -10.99
N ALA B 188 19.05 10.93 -12.20
CA ALA B 188 19.67 11.47 -13.40
C ALA B 188 19.15 12.85 -13.76
N CYS B 189 18.01 13.23 -13.19
CA CYS B 189 17.37 14.49 -13.57
C CYS B 189 17.53 15.60 -12.53
N VAL B 190 18.04 15.25 -11.36
CA VAL B 190 18.29 16.26 -10.32
C VAL B 190 19.72 16.78 -10.41
N GLN B 191 19.94 17.96 -9.86
CA GLN B 191 21.24 18.62 -9.97
C GLN B 191 21.77 19.06 -8.60
N CYS B 192 21.34 18.38 -7.55
CA CYS B 192 21.69 18.78 -6.19
C CYS B 192 22.48 17.71 -5.44
N LEU B 193 22.79 16.60 -6.12
CA LEU B 193 23.47 15.49 -5.46
C LEU B 193 24.98 15.74 -5.33
N GLN B 194 25.49 15.58 -4.12
CA GLN B 194 26.92 15.69 -3.86
C GLN B 194 27.61 14.34 -4.06
N LYS B 195 26.85 13.28 -3.78
CA LYS B 195 27.34 11.91 -3.94
C LYS B 195 26.34 11.10 -4.76
N PRO B 196 26.83 10.04 -5.43
CA PRO B 196 25.94 9.12 -6.16
C PRO B 196 24.89 8.50 -5.23
N MET B 197 23.64 8.51 -5.68
CA MET B 197 22.54 7.98 -4.89
C MET B 197 22.67 6.48 -4.67
N LEU B 198 22.23 6.03 -3.49
CA LEU B 198 22.08 4.62 -3.21
C LEU B 198 20.65 4.19 -3.53
N PHE B 199 20.47 2.94 -3.91
CA PHE B 199 19.13 2.41 -4.16
C PHE B 199 18.28 2.51 -2.91
N GLY B 200 17.06 3.01 -3.06
CA GLY B 200 16.11 3.07 -1.98
C GLY B 200 16.52 3.91 -0.78
N ASP B 201 17.32 4.94 -1.02
CA ASP B 201 17.76 5.84 0.03
C ASP B 201 16.73 6.95 0.21
N ARG B 202 15.94 6.87 1.28
CA ARG B 202 14.89 7.85 1.51
C ARG B 202 15.25 8.82 2.63
N PHE B 203 16.44 8.67 3.19
CA PHE B 203 16.88 9.52 4.28
C PHE B 203 17.35 10.88 3.78
N TYR B 204 16.44 11.58 3.11
CA TYR B 204 16.69 12.91 2.58
C TYR B 204 15.48 13.81 2.78
N THR B 205 15.73 15.09 2.96
CA THR B 205 14.67 16.08 2.84
C THR B 205 14.88 16.78 1.51
N PHE B 206 13.98 16.53 0.57
CA PHE B 206 14.14 17.00 -0.80
C PHE B 206 12.97 17.89 -1.25
N ILE B 207 13.31 19.02 -1.86
CA ILE B 207 12.32 19.88 -2.48
C ILE B 207 12.71 20.12 -3.94
N CYS B 208 11.83 19.71 -4.86
CA CYS B 208 12.12 19.77 -6.28
C CYS B 208 12.22 21.20 -6.80
N SER B 209 12.61 21.34 -8.07
CA SER B 209 12.79 22.64 -8.68
C SER B 209 11.46 23.32 -9.01
N VAL B 210 10.40 22.53 -9.15
CA VAL B 210 9.08 23.08 -9.40
C VAL B 210 8.58 23.82 -8.16
N CYS B 211 8.67 23.15 -7.01
CA CYS B 211 8.24 23.73 -5.75
C CYS B 211 9.17 24.85 -5.29
N SER B 212 10.43 24.78 -5.73
CA SER B 212 11.43 25.76 -5.33
C SER B 212 11.42 26.95 -6.28
N SER B 213 10.90 26.76 -7.48
CA SER B 213 10.98 27.74 -8.56
C SER B 213 12.43 28.15 -8.75
N GLY B 214 13.32 27.16 -8.74
CA GLY B 214 14.75 27.38 -8.84
C GLY B 214 15.47 26.11 -8.44
N PRO B 215 16.79 26.20 -8.17
CA PRO B 215 17.62 25.07 -7.75
C PRO B 215 17.01 24.28 -6.59
N GLU B 216 17.20 22.96 -6.61
CA GLU B 216 16.63 22.06 -5.63
C GLU B 216 17.21 22.21 -4.24
N TYR B 217 16.47 21.73 -3.24
CA TYR B 217 16.95 21.64 -1.87
C TYR B 217 17.15 20.19 -1.49
N LEU B 218 18.31 19.87 -0.94
CA LEU B 218 18.60 18.50 -0.53
C LEU B 218 19.38 18.47 0.79
N LYS B 219 18.80 17.81 1.78
CA LYS B 219 19.43 17.69 3.09
C LYS B 219 19.44 16.24 3.56
N ARG B 220 20.62 15.75 3.89
CA ARG B 220 20.77 14.37 4.35
C ARG B 220 20.24 14.22 5.77
N LEU B 221 19.32 13.28 5.95
CA LEU B 221 18.81 12.96 7.28
C LEU B 221 19.81 12.06 8.00
N PRO B 222 19.88 12.19 9.34
CA PRO B 222 20.79 11.35 10.15
C PRO B 222 20.49 9.86 10.03
N LEU B 223 21.52 9.04 10.10
CA LEU B 223 21.37 7.60 9.99
C LEU B 223 21.67 6.90 11.31
N GLN B 224 20.84 5.94 11.68
CA GLN B 224 21.15 5.05 12.78
C GLN B 224 21.89 3.84 12.22
N TRP B 225 22.51 3.05 13.10
CA TRP B 225 23.26 1.89 12.66
C TRP B 225 22.37 0.87 11.95
N VAL B 226 21.13 0.74 12.40
CA VAL B 226 20.18 -0.17 11.78
C VAL B 226 19.78 0.33 10.40
N ASP B 227 19.79 1.65 10.22
CA ASP B 227 19.49 2.25 8.94
C ASP B 227 20.61 1.97 7.94
N ILE B 228 21.85 2.10 8.40
CA ILE B 228 23.02 1.82 7.58
C ILE B 228 23.05 0.35 7.13
N ALA B 229 22.75 -0.54 8.08
CA ALA B 229 22.74 -1.97 7.79
C ALA B 229 21.65 -2.32 6.79
N HIS B 230 20.45 -1.80 7.02
CA HIS B 230 19.31 -2.06 6.15
C HIS B 230 19.53 -1.52 4.75
N LEU B 231 19.97 -0.27 4.67
CA LEU B 231 20.15 0.41 3.38
C LEU B 231 21.21 -0.29 2.52
N CYS B 232 22.31 -0.71 3.14
CA CYS B 232 23.40 -1.34 2.41
C CYS B 232 23.09 -2.78 2.04
N LEU B 233 22.41 -3.49 2.93
CA LEU B 233 21.93 -4.84 2.63
C LEU B 233 20.97 -4.79 1.45
N TYR B 234 20.12 -3.78 1.44
CA TYR B 234 19.16 -3.58 0.38
C TYR B 234 19.87 -3.34 -0.95
N ASN B 235 20.91 -2.52 -0.91
CA ASN B 235 21.69 -2.20 -2.11
C ASN B 235 22.43 -3.41 -2.67
N LEU B 236 23.02 -4.19 -1.78
CA LEU B 236 23.71 -5.42 -2.17
C LEU B 236 22.71 -6.40 -2.79
N SER B 237 21.51 -6.44 -2.23
CA SER B 237 20.46 -7.33 -2.69
C SER B 237 19.99 -6.96 -4.10
N VAL B 238 19.84 -5.66 -4.34
CA VAL B 238 19.41 -5.17 -5.64
C VAL B 238 20.48 -5.41 -6.70
N ILE B 239 21.72 -5.08 -6.36
CA ILE B 239 22.84 -5.17 -7.30
C ILE B 239 23.16 -6.62 -7.69
N HIS B 240 23.17 -7.51 -6.71
CA HIS B 240 23.60 -8.89 -6.97
C HIS B 240 22.45 -9.87 -7.16
N LYS B 241 21.22 -9.40 -6.99
CA LYS B 241 20.03 -10.25 -7.12
C LYS B 241 20.10 -11.49 -6.24
N LYS B 242 20.50 -11.31 -4.99
CA LYS B 242 20.53 -12.42 -4.03
C LYS B 242 20.11 -11.93 -2.65
N LYS B 243 19.90 -12.87 -1.73
CA LYS B 243 19.34 -12.52 -0.42
C LYS B 243 20.41 -12.42 0.67
N TYR B 244 21.20 -13.48 0.83
CA TYR B 244 22.15 -13.56 1.95
C TYR B 244 23.52 -13.01 1.61
N PHE B 245 24.10 -12.28 2.57
CA PHE B 245 25.43 -11.73 2.42
C PHE B 245 26.24 -11.92 3.70
N ASP B 246 27.53 -12.16 3.56
CA ASP B 246 28.42 -12.25 4.71
C ASP B 246 28.49 -10.88 5.40
N SER B 247 28.16 -10.86 6.69
CA SER B 247 28.06 -9.62 7.44
C SER B 247 29.38 -8.85 7.48
N GLU B 248 30.49 -9.58 7.52
CA GLU B 248 31.80 -8.96 7.63
C GLU B 248 32.49 -8.77 6.28
N LEU B 249 32.49 -9.83 5.47
CA LEU B 249 33.27 -9.82 4.23
C LEU B 249 32.53 -9.20 3.05
N GLU B 250 31.20 -9.09 3.16
CA GLU B 250 30.41 -8.53 2.07
C GLU B 250 29.68 -7.25 2.48
N LEU B 251 28.91 -7.33 3.56
CA LEU B 251 28.14 -6.19 4.02
C LEU B 251 29.04 -5.08 4.57
N MET B 252 29.89 -5.44 5.52
CA MET B 252 30.77 -4.46 6.16
C MET B 252 31.75 -3.86 5.18
N THR B 253 32.16 -4.67 4.20
CA THR B 253 33.05 -4.22 3.14
C THR B 253 32.37 -3.15 2.29
N TYR B 254 31.11 -3.40 1.92
CA TYR B 254 30.35 -2.43 1.13
C TYR B 254 30.10 -1.15 1.90
N ILE B 255 29.87 -1.28 3.21
CA ILE B 255 29.65 -0.11 4.05
C ILE B 255 30.89 0.76 4.10
N ASN B 256 32.05 0.13 4.33
CA ASN B 256 33.31 0.85 4.44
C ASN B 256 33.71 1.52 3.12
N GLU B 257 33.49 0.81 2.01
CA GLU B 257 33.83 1.33 0.69
C GLU B 257 32.93 2.51 0.29
N ASN B 258 31.74 2.58 0.90
CA ASN B 258 30.79 3.64 0.59
C ASN B 258 30.51 4.54 1.79
N TRP B 259 31.49 4.68 2.67
CA TRP B 259 31.30 5.41 3.92
C TRP B 259 31.02 6.90 3.69
N ASP B 260 31.79 7.53 2.80
CA ASP B 260 31.59 8.93 2.46
C ASP B 260 30.32 9.14 1.66
N ARG B 261 30.03 8.19 0.78
CA ARG B 261 28.84 8.23 -0.06
C ARG B 261 27.57 8.13 0.77
N LEU B 262 27.69 7.57 1.97
CA LEU B 262 26.55 7.34 2.86
C LEU B 262 26.13 8.59 3.63
N HIS B 263 27.05 9.54 3.79
CA HIS B 263 26.86 10.68 4.67
C HIS B 263 26.36 10.23 6.05
N PRO B 264 27.21 9.52 6.80
CA PRO B 264 26.76 8.92 8.08
C PRO B 264 26.38 9.96 9.13
N GLY B 265 26.62 11.23 8.86
CA GLY B 265 26.28 12.29 9.79
C GLY B 265 27.24 12.32 10.97
N GLU B 266 26.68 12.20 12.17
CA GLU B 266 27.49 12.25 13.39
C GLU B 266 28.13 10.91 13.70
N LEU B 267 27.78 9.89 12.92
CA LEU B 267 28.40 8.57 13.05
C LEU B 267 29.61 8.44 12.15
N ALA B 268 29.90 9.50 11.40
CA ALA B 268 30.95 9.46 10.40
C ALA B 268 32.35 9.34 11.00
N ASP B 269 32.51 9.79 12.24
CA ASP B 269 33.82 9.78 12.89
C ASP B 269 34.11 8.43 13.54
N THR B 270 33.14 7.52 13.49
CA THR B 270 33.30 6.19 14.05
C THR B 270 34.46 5.47 13.38
N PRO B 271 35.48 5.10 14.18
CA PRO B 271 36.65 4.38 13.69
C PRO B 271 36.26 3.11 12.94
N LYS B 272 36.95 2.82 11.85
CA LYS B 272 36.65 1.68 10.99
C LYS B 272 36.62 0.37 11.77
N SER B 273 37.40 0.31 12.84
CA SER B 273 37.50 -0.88 13.68
C SER B 273 36.23 -1.09 14.52
N GLU B 274 35.52 0.00 14.82
CA GLU B 274 34.38 -0.06 15.72
C GLU B 274 33.05 -0.17 14.98
N ARG B 275 33.08 0.05 13.68
CA ARG B 275 31.85 0.08 12.88
C ARG B 275 31.16 -1.27 12.83
N TYR B 276 31.94 -2.34 12.69
CA TYR B 276 31.37 -3.68 12.53
C TYR B 276 30.60 -4.13 13.78
N GLU B 277 31.06 -3.69 14.95
CA GLU B 277 30.38 -4.02 16.20
C GLU B 277 28.92 -3.55 16.20
N HIS B 278 28.73 -2.27 15.89
CA HIS B 278 27.40 -1.68 15.90
C HIS B 278 26.51 -2.27 14.81
N VAL B 279 27.09 -2.53 13.64
CA VAL B 279 26.36 -3.10 12.52
C VAL B 279 25.85 -4.51 12.86
N LEU B 280 26.74 -5.33 13.40
CA LEU B 280 26.39 -6.69 13.78
C LEU B 280 25.34 -6.72 14.88
N GLU B 281 25.43 -5.75 15.79
CA GLU B 281 24.45 -5.64 16.87
C GLU B 281 23.06 -5.34 16.32
N ALA B 282 23.00 -4.48 15.33
CA ALA B 282 21.74 -4.12 14.69
C ALA B 282 21.15 -5.31 13.94
N LEU B 283 22.01 -6.08 13.29
CA LEU B 283 21.59 -7.27 12.56
C LEU B 283 20.98 -8.31 13.48
N ASN B 284 21.57 -8.47 14.66
CA ASN B 284 21.09 -9.46 15.62
C ASN B 284 19.86 -9.01 16.39
N ASP B 285 19.79 -7.72 16.73
CA ASP B 285 18.69 -7.20 17.53
C ASP B 285 17.38 -7.14 16.76
N TYR B 286 17.42 -6.66 15.53
CA TYR B 286 16.22 -6.49 14.72
C TYR B 286 15.87 -7.76 13.96
N LYS B 287 15.31 -8.73 14.69
CA LYS B 287 14.99 -10.04 14.15
C LYS B 287 13.90 -9.99 13.08
N THR B 288 12.98 -9.05 13.21
CA THR B 288 11.86 -8.93 12.29
C THR B 288 12.29 -8.35 10.94
N MET B 289 13.51 -7.82 10.89
CA MET B 289 14.01 -7.17 9.68
C MET B 289 15.08 -8.01 8.98
N PHE B 290 15.95 -8.64 9.77
CA PHE B 290 17.10 -9.36 9.21
C PHE B 290 17.03 -10.86 9.46
N MET B 291 17.30 -11.64 8.41
CA MET B 291 17.37 -13.10 8.52
C MET B 291 18.81 -13.58 8.65
N SER B 292 19.07 -14.44 9.63
CA SER B 292 20.39 -15.06 9.75
C SER B 292 20.43 -16.34 8.93
N GLY B 293 21.62 -16.70 8.45
CA GLY B 293 21.79 -17.91 7.66
C GLY B 293 21.51 -19.17 8.46
N LYS B 294 21.56 -19.05 9.78
CA LYS B 294 21.31 -20.18 10.67
C LYS B 294 19.87 -20.66 10.58
N GLU B 295 18.99 -19.80 10.10
CA GLU B 295 17.58 -20.13 9.97
C GLU B 295 17.34 -21.10 8.82
N ILE B 296 18.32 -21.19 7.93
CA ILE B 296 18.28 -22.17 6.84
C ILE B 296 19.53 -23.04 6.84
N LYS B 297 20.10 -23.23 8.04
CA LYS B 297 21.24 -24.13 8.25
C LYS B 297 22.49 -23.71 7.49
N LYS B 298 22.70 -22.41 7.38
CA LYS B 298 23.95 -21.89 6.83
C LYS B 298 24.68 -21.06 7.87
N LYS B 299 25.79 -20.43 7.45
CA LYS B 299 26.60 -19.59 8.33
C LYS B 299 25.76 -18.55 9.05
N LYS B 300 25.92 -18.46 10.36
CA LYS B 300 25.10 -17.55 11.16
C LYS B 300 25.46 -16.09 10.89
N HIS B 301 26.63 -15.86 10.30
CA HIS B 301 27.07 -14.52 9.97
C HIS B 301 26.51 -14.06 8.63
N LEU B 302 25.86 -14.98 7.91
CA LEU B 302 25.15 -14.62 6.70
C LEU B 302 23.83 -13.95 7.05
N PHE B 303 23.61 -12.77 6.50
CA PHE B 303 22.39 -12.02 6.78
C PHE B 303 21.70 -11.52 5.51
N GLY B 304 20.38 -11.42 5.58
CA GLY B 304 19.59 -10.89 4.48
C GLY B 304 18.33 -10.25 4.99
N LEU B 305 17.66 -9.49 4.14
CA LEU B 305 16.39 -8.87 4.49
C LEU B 305 15.25 -9.88 4.39
N ARG B 306 14.34 -9.85 5.37
CA ARG B 306 13.17 -10.72 5.31
C ARG B 306 12.27 -10.27 4.17
N ILE B 307 12.16 -8.96 3.99
CA ILE B 307 11.46 -8.40 2.84
C ILE B 307 12.32 -7.35 2.16
N ARG B 308 12.52 -7.50 0.86
CA ARG B 308 13.41 -6.61 0.13
C ARG B 308 12.73 -5.25 -0.09
N VAL B 309 12.78 -4.41 0.93
CA VAL B 309 12.13 -3.10 0.92
C VAL B 309 13.08 -2.05 1.48
N PRO B 310 13.14 -0.87 0.84
CA PRO B 310 13.96 0.24 1.34
C PRO B 310 13.63 0.61 2.78
N PRO B 311 14.63 1.05 3.55
CA PRO B 311 14.43 1.49 4.92
C PRO B 311 13.53 2.72 4.99
N VAL B 312 12.66 2.77 6.00
CA VAL B 312 11.76 3.92 6.17
C VAL B 312 12.30 4.90 7.20
N PRO B 313 12.54 6.15 6.80
CA PRO B 313 12.98 7.21 7.71
C PRO B 313 11.88 7.57 8.71
N PRO B 314 12.26 8.05 9.90
CA PRO B 314 11.37 8.33 11.03
C PRO B 314 10.07 9.07 10.70
N ASN B 315 10.10 9.93 9.67
CA ASN B 315 8.95 10.76 9.35
C ASN B 315 7.87 10.06 8.54
N VAL B 316 8.28 9.22 7.58
CA VAL B 316 7.40 8.78 6.52
C VAL B 316 6.93 7.32 6.66
N ALA B 317 6.38 6.80 5.57
CA ALA B 317 5.88 5.42 5.52
C ALA B 317 5.74 4.95 4.07
N M3L C 4 -20.34 -21.98 20.72
CA M3L C 4 -19.63 -21.20 19.74
CB M3L C 4 -20.19 -21.35 18.32
CG M3L C 4 -19.10 -21.39 17.28
CD M3L C 4 -19.61 -20.81 15.97
CE M3L C 4 -18.94 -21.55 14.80
NZ M3L C 4 -18.14 -20.73 13.82
C M3L C 4 -19.57 -19.71 20.05
O M3L C 4 -20.16 -18.86 19.37
CM1 M3L C 4 -16.82 -20.32 14.39
CM2 M3L C 4 -18.88 -19.52 13.39
CM3 M3L C 4 -17.88 -21.58 12.61
N LYS C 5 -18.85 -19.38 21.12
CA LYS C 5 -18.65 -17.98 21.50
C LYS C 5 -17.16 -17.68 21.66
N PRO C 6 -16.76 -16.43 21.36
CA PRO C 6 -15.38 -16.01 21.53
C PRO C 6 -15.08 -15.52 22.94
N M3L D 4 23.62 -1.52 -22.48
CA M3L D 4 23.10 -0.36 -23.14
CB M3L D 4 21.57 -0.38 -23.27
CG M3L D 4 20.96 -1.36 -22.29
CD M3L D 4 19.45 -1.25 -22.30
CE M3L D 4 18.93 -1.60 -20.91
NZ M3L D 4 17.66 -0.94 -20.44
C M3L D 4 23.48 0.96 -22.47
O M3L D 4 23.50 1.13 -21.25
CM1 M3L D 4 17.30 0.25 -21.27
CM2 M3L D 4 17.76 -0.52 -19.01
CM3 M3L D 4 16.56 -1.95 -20.55
N LYS D 5 23.80 1.93 -23.32
CA LYS D 5 24.24 3.24 -22.85
C LYS D 5 23.40 4.35 -23.49
N PRO D 6 23.04 5.39 -22.70
CA PRO D 6 22.19 6.50 -23.15
C PRO D 6 22.74 7.22 -24.38
ZN ZN G . 13.21 -12.30 20.29
ZN ZN H . -0.07 -12.47 25.62
ZN ZN I . -6.43 2.15 5.25
ZN ZN J . -9.96 -8.17 11.90
ZN ZN K . 16.48 20.08 -30.02
ZN ZN L . 3.62 25.18 -32.67
ZN ZN M . 13.37 12.26 -14.69
ZN ZN N . 8.02 19.32 -5.46
#